data_9NAT
#
_entry.id   9NAT
#
_cell.length_a   42.440
_cell.length_b   48.880
_cell.length_c   100.760
_cell.angle_alpha   90.00
_cell.angle_beta   90.00
_cell.angle_gamma   90.00
#
_symmetry.space_group_name_H-M   'P 21 21 21'
#
loop_
_entity.id
_entity.type
_entity.pdbx_description
1 polymer Papain
2 polymer leupeptin
3 water water
#
loop_
_entity_poly.entity_id
_entity_poly.type
_entity_poly.pdbx_seq_one_letter_code
_entity_poly.pdbx_strand_id
1 'polypeptide(L)'
;IPEYVDWRQKGAVTPVKNQGSCGSCWAFSAVVTIEGIIKIRTGNLNEYSEQELLDCDRRSYGCNGGYPWSALQLVAQYGI
HYRNTYPYEGVQRYCRSREKGPYAAKTDGVRQVQPYNEGALLYSIANQPVSVVLEAAGKDFQLYRGGIFVGPCGNKVDHA
VAAVGYGPNYILIKNSWGTGWGENGYIRIKRGTGNSYGVCGLYTSSFYPVKN
;
A
2 'polypeptide(L)' (ACE)(DLE)L(DAR) C
#
# COMPACT_ATOMS: atom_id res chain seq x y z
N ILE A 1 -3.96 18.59 -11.50
CA ILE A 1 -3.36 18.10 -10.26
C ILE A 1 -1.99 18.78 -10.09
N PRO A 2 -1.53 18.91 -8.85
CA PRO A 2 -0.33 19.72 -8.59
C PRO A 2 0.96 19.01 -8.92
N GLU A 3 2.04 19.80 -8.84
N GLU A 3 2.05 19.77 -8.84
CA GLU A 3 3.38 19.36 -9.18
CA GLU A 3 3.34 19.22 -9.24
C GLU A 3 3.91 18.34 -8.18
C GLU A 3 3.94 18.32 -8.17
N TYR A 4 3.62 18.54 -6.90
CA TYR A 4 4.07 17.69 -5.82
C TYR A 4 2.90 17.28 -4.95
N VAL A 5 2.90 16.00 -4.51
CA VAL A 5 1.96 15.49 -3.52
C VAL A 5 2.77 14.67 -2.52
N ASP A 6 2.50 14.87 -1.22
CA ASP A 6 3.18 14.08 -0.18
C ASP A 6 2.20 13.95 0.98
N TRP A 7 1.53 12.80 1.05
CA TRP A 7 0.52 12.61 2.09
C TRP A 7 1.12 12.56 3.49
N ARG A 8 2.43 12.39 3.63
CA ARG A 8 3.05 12.50 4.94
C ARG A 8 2.88 13.90 5.49
N GLN A 9 2.95 14.90 4.62
CA GLN A 9 2.87 16.29 5.06
C GLN A 9 1.46 16.67 5.49
N LYS A 10 0.45 15.94 5.05
CA LYS A 10 -0.93 16.13 5.47
C LYS A 10 -1.28 15.29 6.69
N GLY A 11 -0.30 14.59 7.28
CA GLY A 11 -0.57 13.80 8.45
C GLY A 11 -1.43 12.58 8.19
N ALA A 12 -1.35 12.01 6.99
CA ALA A 12 -2.21 10.88 6.59
C ALA A 12 -1.45 9.58 6.46
N VAL A 13 -0.19 9.52 6.92
CA VAL A 13 0.66 8.34 6.79
C VAL A 13 1.25 8.01 8.17
N THR A 14 1.08 6.77 8.59
CA THR A 14 1.60 6.29 9.88
C THR A 14 3.07 5.88 9.72
N PRO A 15 3.74 5.52 10.82
CA PRO A 15 5.16 5.14 10.71
C PRO A 15 5.38 3.90 9.85
N VAL A 16 6.60 3.82 9.30
CA VAL A 16 7.00 2.72 8.43
C VAL A 16 7.06 1.42 9.23
N LYS A 17 6.54 0.36 8.62
CA LYS A 17 6.47 -0.96 9.23
C LYS A 17 7.50 -1.90 8.60
N ASN A 18 7.71 -3.03 9.28
CA ASN A 18 8.54 -4.11 8.79
C ASN A 18 7.70 -5.38 8.77
N GLN A 19 7.44 -5.91 7.57
CA GLN A 19 6.64 -7.13 7.47
C GLN A 19 7.43 -8.38 7.87
N GLY A 20 8.75 -8.30 7.97
CA GLY A 20 9.50 -9.50 8.32
C GLY A 20 9.54 -10.48 7.15
N SER A 21 9.80 -11.76 7.49
CA SER A 21 9.98 -12.74 6.43
C SER A 21 8.67 -13.14 5.78
N CYS A 22 7.55 -12.87 6.44
CA CYS A 22 6.24 -13.27 5.94
C CYS A 22 5.91 -12.52 4.66
N GLY A 23 5.33 -13.22 3.68
CA GLY A 23 4.91 -12.58 2.44
C GLY A 23 3.56 -11.88 2.57
N SER A 24 3.51 -10.92 3.49
CA SER A 24 2.29 -10.20 3.86
C SER A 24 2.23 -8.80 3.25
N CYS A 25 3.09 -8.51 2.26
CA CYS A 25 3.14 -7.16 1.69
C CYS A 25 1.77 -6.67 1.25
N TRP A 26 0.96 -7.57 0.68
CA TRP A 26 -0.38 -7.21 0.21
C TRP A 26 -1.24 -6.64 1.34
N ALA A 27 -1.07 -7.16 2.56
CA ALA A 27 -1.84 -6.65 3.70
C ALA A 27 -1.32 -5.29 4.17
N PHE A 28 0.01 -5.14 4.18
CA PHE A 28 0.60 -3.85 4.55
C PHE A 28 0.18 -2.76 3.58
N SER A 29 0.29 -3.05 2.28
N SER A 29 0.24 -3.06 2.27
CA SER A 29 -0.12 -2.13 1.23
CA SER A 29 -0.12 -2.05 1.27
C SER A 29 -1.57 -1.68 1.42
C SER A 29 -1.59 -1.67 1.36
N ALA A 30 -2.47 -2.65 1.61
CA ALA A 30 -3.88 -2.30 1.80
C ALA A 30 -4.07 -1.41 3.04
N VAL A 31 -3.41 -1.75 4.15
CA VAL A 31 -3.59 -0.96 5.37
C VAL A 31 -3.15 0.49 5.17
N VAL A 32 -2.05 0.73 4.43
CA VAL A 32 -1.61 2.11 4.22
C VAL A 32 -2.74 2.92 3.60
N THR A 33 -3.46 2.30 2.65
CA THR A 33 -4.51 3.05 1.96
C THR A 33 -5.71 3.26 2.87
N ILE A 34 -5.97 2.32 3.77
CA ILE A 34 -7.05 2.52 4.73
C ILE A 34 -6.70 3.62 5.71
N GLU A 35 -5.48 3.57 6.26
CA GLU A 35 -5.03 4.62 7.16
C GLU A 35 -5.17 5.98 6.51
N GLY A 36 -4.85 6.08 5.23
CA GLY A 36 -4.92 7.36 4.54
C GLY A 36 -6.34 7.85 4.35
N ILE A 37 -7.22 7.01 3.81
CA ILE A 37 -8.57 7.49 3.51
C ILE A 37 -9.33 7.81 4.77
N ILE A 38 -9.07 7.11 5.89
CA ILE A 38 -9.76 7.44 7.13
C ILE A 38 -9.31 8.81 7.64
N LYS A 39 -8.01 9.12 7.53
CA LYS A 39 -7.56 10.45 7.91
C LYS A 39 -8.18 11.52 7.01
N ILE A 40 -8.24 11.25 5.71
CA ILE A 40 -8.78 12.23 4.76
C ILE A 40 -10.26 12.49 5.04
N ARG A 41 -11.02 11.43 5.36
CA ARG A 41 -12.45 11.56 5.53
C ARG A 41 -12.86 12.01 6.93
N THR A 42 -12.14 11.59 7.97
CA THR A 42 -12.55 11.80 9.34
C THR A 42 -11.64 12.73 10.13
N GLY A 43 -10.41 12.96 9.66
CA GLY A 43 -9.49 13.86 10.33
C GLY A 43 -8.57 13.20 11.32
N ASN A 44 -8.74 11.90 11.60
CA ASN A 44 -7.95 11.19 12.59
C ASN A 44 -7.04 10.17 11.90
N LEU A 45 -5.77 10.16 12.28
CA LEU A 45 -4.81 9.18 11.78
C LEU A 45 -4.71 8.05 12.80
N ASN A 46 -5.09 6.85 12.36
CA ASN A 46 -5.03 5.65 13.19
C ASN A 46 -4.25 4.58 12.45
N GLU A 47 -3.67 3.65 13.21
CA GLU A 47 -3.05 2.46 12.63
C GLU A 47 -4.07 1.33 12.64
N TYR A 48 -4.16 0.61 11.53
CA TYR A 48 -5.08 -0.51 11.38
C TYR A 48 -4.32 -1.82 11.18
N SER A 49 -5.05 -2.94 11.25
CA SER A 49 -4.42 -4.24 11.48
C SER A 49 -4.08 -4.97 10.17
N GLU A 50 -2.78 -5.04 9.84
CA GLU A 50 -2.35 -5.96 8.78
C GLU A 50 -2.63 -7.41 9.16
N GLN A 51 -2.44 -7.76 10.44
CA GLN A 51 -2.61 -9.14 10.88
C GLN A 51 -4.04 -9.63 10.62
N GLU A 52 -5.03 -8.77 10.83
CA GLU A 52 -6.41 -9.13 10.57
C GLU A 52 -6.60 -9.54 9.11
N LEU A 53 -6.05 -8.75 8.19
CA LEU A 53 -6.17 -9.10 6.77
C LEU A 53 -5.43 -10.40 6.46
N LEU A 54 -4.21 -10.55 6.98
CA LEU A 54 -3.45 -11.78 6.86
C LEU A 54 -4.25 -13.00 7.28
N ASP A 55 -4.91 -12.90 8.44
CA ASP A 55 -5.66 -14.04 9.00
C ASP A 55 -6.98 -14.27 8.28
N CYS A 56 -7.66 -13.19 7.87
CA CYS A 56 -9.07 -13.26 7.56
C CYS A 56 -9.42 -13.15 6.09
N ASP A 57 -8.49 -12.70 5.24
CA ASP A 57 -8.80 -12.63 3.80
C ASP A 57 -8.70 -14.03 3.22
N ARG A 58 -9.85 -14.71 3.09
CA ARG A 58 -9.86 -16.10 2.66
C ARG A 58 -9.45 -16.25 1.19
N ARG A 59 -9.48 -15.17 0.42
CA ARG A 59 -9.05 -15.24 -0.97
C ARG A 59 -7.54 -15.15 -1.10
N SER A 60 -6.85 -14.66 -0.08
CA SER A 60 -5.40 -14.59 -0.10
C SER A 60 -4.81 -15.83 0.57
N TYR A 61 -3.48 -15.91 0.57
CA TYR A 61 -2.76 -17.11 1.01
C TYR A 61 -1.84 -16.84 2.19
N GLY A 62 -2.24 -15.94 3.08
CA GLY A 62 -1.45 -15.70 4.30
C GLY A 62 -0.03 -15.22 3.97
N CYS A 63 0.96 -15.85 4.58
CA CYS A 63 2.34 -15.47 4.33
C CYS A 63 2.86 -15.97 3.00
N ASN A 64 2.06 -16.76 2.27
CA ASN A 64 2.41 -17.22 0.93
C ASN A 64 2.04 -16.22 -0.15
N GLY A 65 1.53 -15.04 0.22
CA GLY A 65 1.15 -14.03 -0.73
C GLY A 65 -0.35 -13.79 -0.72
N GLY A 66 -0.76 -12.79 -1.49
CA GLY A 66 -2.14 -12.35 -1.41
C GLY A 66 -2.41 -11.21 -2.37
N TYR A 67 -3.60 -10.63 -2.20
CA TYR A 67 -4.14 -9.65 -3.16
C TYR A 67 -4.59 -8.40 -2.43
N PRO A 68 -3.98 -7.24 -2.69
CA PRO A 68 -4.53 -6.01 -2.11
C PRO A 68 -6.01 -5.77 -2.42
N TRP A 69 -6.50 -6.14 -3.61
N TRP A 69 -6.49 -6.12 -3.62
CA TRP A 69 -7.90 -5.86 -3.91
CA TRP A 69 -7.90 -5.92 -3.95
C TRP A 69 -8.86 -6.68 -3.04
C TRP A 69 -8.80 -6.65 -2.98
N SER A 70 -8.51 -7.93 -2.73
CA SER A 70 -9.40 -8.71 -1.86
C SER A 70 -9.33 -8.22 -0.41
N ALA A 71 -8.14 -7.81 0.02
CA ALA A 71 -8.01 -7.23 1.36
C ALA A 71 -8.87 -5.99 1.47
N LEU A 72 -8.84 -5.14 0.45
CA LEU A 72 -9.65 -3.93 0.48
C LEU A 72 -11.13 -4.26 0.38
N GLN A 73 -11.49 -5.30 -0.39
CA GLN A 73 -12.88 -5.75 -0.45
C GLN A 73 -13.34 -6.25 0.91
N LEU A 74 -12.47 -6.94 1.64
CA LEU A 74 -12.81 -7.41 2.98
C LEU A 74 -13.14 -6.25 3.92
N VAL A 75 -12.38 -5.15 3.85
CA VAL A 75 -12.62 -4.00 4.70
C VAL A 75 -13.91 -3.27 4.32
N ALA A 76 -14.29 -3.29 3.04
CA ALA A 76 -15.55 -2.67 2.67
C ALA A 76 -16.73 -3.54 3.08
N GLN A 77 -16.54 -4.86 3.05
CA GLN A 77 -17.65 -5.78 3.34
C GLN A 77 -17.86 -5.92 4.84
N TYR A 78 -16.78 -5.91 5.62
CA TYR A 78 -16.89 -6.05 7.07
C TYR A 78 -16.37 -4.81 7.79
N GLY A 79 -15.08 -4.58 7.77
CA GLY A 79 -14.47 -3.53 8.56
C GLY A 79 -13.06 -3.96 8.89
N ILE A 80 -12.40 -3.16 9.74
CA ILE A 80 -11.07 -3.49 10.20
C ILE A 80 -10.89 -2.97 11.62
N HIS A 81 -10.08 -3.70 12.40
CA HIS A 81 -9.72 -3.31 13.76
C HIS A 81 -8.45 -2.47 13.79
N TYR A 82 -8.28 -1.75 14.89
CA TYR A 82 -7.03 -1.05 15.15
C TYR A 82 -5.87 -2.04 15.27
N ARG A 83 -4.69 -1.58 14.85
CA ARG A 83 -3.49 -2.41 14.99
C ARG A 83 -3.27 -2.83 16.44
N ASN A 84 -3.54 -1.92 17.39
CA ASN A 84 -3.33 -2.26 18.78
C ASN A 84 -4.22 -3.40 19.24
N THR A 85 -5.44 -3.49 18.69
CA THR A 85 -6.37 -4.56 19.04
C THR A 85 -5.93 -5.88 18.42
N TYR A 86 -5.22 -5.82 17.31
CA TYR A 86 -4.94 -6.99 16.47
C TYR A 86 -3.52 -6.81 15.93
N PRO A 87 -2.51 -6.88 16.79
CA PRO A 87 -1.15 -6.52 16.40
C PRO A 87 -0.51 -7.55 15.49
N TYR A 88 0.58 -7.12 14.85
CA TYR A 88 1.22 -7.91 13.83
C TYR A 88 2.14 -8.97 14.44
N GLU A 89 1.97 -10.21 13.98
CA GLU A 89 2.69 -11.36 14.52
C GLU A 89 3.63 -12.01 13.51
N GLY A 90 3.55 -11.66 12.23
CA GLY A 90 4.47 -12.20 11.25
C GLY A 90 4.22 -13.64 10.86
N VAL A 91 3.05 -14.17 11.18
CA VAL A 91 2.66 -15.54 10.86
C VAL A 91 1.15 -15.53 10.73
N GLN A 92 0.61 -16.32 9.81
CA GLN A 92 -0.85 -16.40 9.67
C GLN A 92 -1.41 -17.28 10.78
N ARG A 93 -2.48 -16.81 11.42
CA ARG A 93 -3.18 -17.54 12.47
C ARG A 93 -4.67 -17.55 12.15
N TYR A 94 -5.50 -18.06 13.05
CA TYR A 94 -6.93 -18.07 12.81
C TYR A 94 -7.49 -16.65 12.77
N CYS A 95 -8.56 -16.46 11.97
CA CYS A 95 -9.24 -15.18 11.96
C CYS A 95 -9.90 -14.94 13.31
N ARG A 96 -9.50 -13.85 13.97
CA ARG A 96 -9.95 -13.53 15.31
C ARG A 96 -10.77 -12.25 15.37
N SER A 97 -11.30 -11.80 14.22
CA SER A 97 -12.10 -10.58 14.17
C SER A 97 -13.28 -10.63 15.14
N ARG A 98 -13.99 -11.76 15.19
CA ARG A 98 -15.20 -11.83 15.99
C ARG A 98 -14.91 -11.78 17.49
N GLU A 99 -13.72 -12.22 17.90
CA GLU A 99 -13.36 -12.18 19.31
C GLU A 99 -12.83 -10.83 19.77
N LYS A 100 -12.67 -9.85 18.90
CA LYS A 100 -11.97 -8.63 19.27
C LYS A 100 -12.89 -7.40 19.27
N GLY A 101 -14.17 -7.61 19.49
CA GLY A 101 -15.10 -6.51 19.64
C GLY A 101 -15.45 -5.88 18.30
N PRO A 102 -16.20 -4.78 18.34
CA PRO A 102 -16.61 -4.14 17.09
C PRO A 102 -15.43 -3.64 16.28
N TYR A 103 -15.63 -3.59 14.97
CA TYR A 103 -14.64 -3.01 14.07
C TYR A 103 -14.41 -1.54 14.40
N ALA A 104 -13.23 -1.06 14.06
CA ALA A 104 -12.85 0.32 14.33
C ALA A 104 -13.20 1.22 13.15
N ALA A 105 -13.07 0.71 11.93
CA ALA A 105 -13.31 1.52 10.74
C ALA A 105 -13.92 0.65 9.66
N LYS A 106 -14.64 1.28 8.74
N LYS A 106 -14.67 1.29 8.76
CA LYS A 106 -15.26 0.60 7.63
CA LYS A 106 -15.31 0.64 7.63
C LYS A 106 -15.19 1.50 6.41
C LYS A 106 -15.16 1.52 6.40
N THR A 107 -15.02 0.89 5.25
CA THR A 107 -15.04 1.59 3.98
C THR A 107 -16.24 1.13 3.18
N ASP A 108 -16.47 1.77 2.04
CA ASP A 108 -17.65 1.52 1.25
C ASP A 108 -17.41 0.73 -0.03
N GLY A 109 -16.17 0.66 -0.50
CA GLY A 109 -15.89 -0.11 -1.69
C GLY A 109 -14.42 0.00 -2.05
N VAL A 110 -14.10 -0.46 -3.26
N VAL A 110 -14.12 -0.47 -3.27
CA VAL A 110 -12.72 -0.46 -3.76
CA VAL A 110 -12.76 -0.54 -3.80
C VAL A 110 -12.75 -0.25 -5.27
C VAL A 110 -12.83 -0.15 -5.27
N ARG A 111 -11.81 0.56 -5.77
CA ARG A 111 -11.70 0.86 -7.19
C ARG A 111 -10.31 0.51 -7.69
N GLN A 112 -10.21 0.17 -8.97
CA GLN A 112 -8.94 -0.06 -9.63
C GLN A 112 -8.59 1.13 -10.52
N VAL A 113 -7.32 1.56 -10.47
CA VAL A 113 -6.82 2.54 -11.42
C VAL A 113 -6.68 1.86 -12.78
N GLN A 114 -6.98 2.60 -13.86
CA GLN A 114 -6.73 2.04 -15.17
C GLN A 114 -5.26 1.62 -15.29
N PRO A 115 -4.97 0.36 -15.58
CA PRO A 115 -3.56 -0.08 -15.62
C PRO A 115 -2.77 0.53 -16.77
N TYR A 116 -1.46 0.61 -16.56
CA TYR A 116 -0.50 0.98 -17.61
C TYR A 116 -0.74 2.41 -18.09
N ASN A 117 -1.01 3.30 -17.14
CA ASN A 117 -1.41 4.67 -17.42
C ASN A 117 -0.84 5.54 -16.29
N GLU A 118 0.28 6.20 -16.58
CA GLU A 118 0.95 6.98 -15.54
C GLU A 118 0.05 8.10 -15.02
N GLY A 119 -0.59 8.84 -15.94
CA GLY A 119 -1.43 9.94 -15.51
C GLY A 119 -2.59 9.51 -14.63
N ALA A 120 -3.20 8.35 -14.93
CA ALA A 120 -4.30 7.86 -14.12
C ALA A 120 -3.85 7.54 -12.71
N LEU A 121 -2.64 7.00 -12.56
CA LEU A 121 -2.12 6.72 -11.22
C LEU A 121 -1.84 8.02 -10.46
N LEU A 122 -1.22 9.00 -11.12
CA LEU A 122 -0.95 10.26 -10.44
C LEU A 122 -2.25 10.95 -10.01
N TYR A 123 -3.27 10.90 -10.87
CA TYR A 123 -4.56 11.46 -10.52
C TYR A 123 -5.12 10.83 -9.25
N SER A 124 -5.01 9.50 -9.14
CA SER A 124 -5.53 8.85 -7.94
C SER A 124 -4.69 9.22 -6.72
N ILE A 125 -3.37 9.31 -6.87
CA ILE A 125 -2.49 9.67 -5.75
C ILE A 125 -2.77 11.08 -5.25
N ALA A 126 -3.09 12.00 -6.17
CA ALA A 126 -3.47 13.33 -5.74
C ALA A 126 -4.70 13.30 -4.84
N ASN A 127 -5.52 12.25 -4.94
N ASN A 127 -5.53 12.26 -4.92
CA ASN A 127 -6.74 12.12 -4.15
CA ASN A 127 -6.69 12.21 -4.06
C ASN A 127 -6.53 11.36 -2.84
C ASN A 127 -6.46 11.42 -2.77
N GLN A 128 -5.64 10.36 -2.82
CA GLN A 128 -5.45 9.51 -1.65
C GLN A 128 -4.26 8.58 -1.89
N PRO A 129 -3.72 7.99 -0.83
CA PRO A 129 -2.73 6.92 -1.03
C PRO A 129 -3.33 5.76 -1.79
N VAL A 130 -2.53 5.14 -2.65
CA VAL A 130 -2.97 4.08 -3.57
C VAL A 130 -2.09 2.85 -3.38
N SER A 131 -2.70 1.66 -3.43
CA SER A 131 -1.95 0.42 -3.39
C SER A 131 -1.43 0.11 -4.79
N VAL A 132 -0.12 -0.10 -4.92
CA VAL A 132 0.51 -0.40 -6.20
C VAL A 132 1.41 -1.62 -6.04
N VAL A 133 1.84 -2.19 -7.17
CA VAL A 133 2.74 -3.35 -7.15
C VAL A 133 3.97 -3.03 -7.99
N LEU A 134 5.06 -3.75 -7.69
CA LEU A 134 6.30 -3.56 -8.43
C LEU A 134 7.12 -4.84 -8.36
N GLU A 135 8.18 -4.88 -9.19
CA GLU A 135 9.18 -5.96 -9.13
C GLU A 135 10.26 -5.60 -8.12
N ALA A 136 10.30 -6.33 -7.01
CA ALA A 136 11.28 -6.10 -5.96
C ALA A 136 12.41 -7.10 -5.96
N ALA A 137 12.38 -8.12 -6.82
CA ALA A 137 13.30 -9.25 -6.70
C ALA A 137 14.74 -8.86 -6.98
N GLY A 138 14.96 -7.83 -7.80
CA GLY A 138 16.31 -7.50 -8.21
C GLY A 138 17.13 -6.93 -7.07
N LYS A 139 18.43 -7.22 -7.10
CA LYS A 139 19.34 -6.74 -6.07
C LYS A 139 19.35 -5.21 -5.99
N ASP A 140 19.16 -4.53 -7.12
CA ASP A 140 19.19 -3.07 -7.08
C ASP A 140 18.08 -2.51 -6.21
N PHE A 141 16.88 -3.09 -6.31
CA PHE A 141 15.79 -2.71 -5.41
C PHE A 141 16.05 -3.19 -3.99
N GLN A 142 16.53 -4.42 -3.82
CA GLN A 142 16.82 -4.92 -2.48
C GLN A 142 17.82 -4.03 -1.74
N LEU A 143 18.86 -3.57 -2.44
CA LEU A 143 19.95 -2.80 -1.83
C LEU A 143 19.73 -1.29 -1.85
N TYR A 144 18.60 -0.82 -2.39
CA TYR A 144 18.36 0.62 -2.55
C TYR A 144 18.60 1.38 -1.26
N ARG A 145 19.35 2.48 -1.37
CA ARG A 145 19.68 3.33 -0.24
C ARG A 145 19.12 4.74 -0.35
N GLY A 146 19.00 5.27 -1.56
CA GLY A 146 18.44 6.60 -1.69
C GLY A 146 18.57 7.11 -3.11
N GLY A 147 17.90 8.23 -3.36
CA GLY A 147 17.87 8.85 -4.66
C GLY A 147 16.65 8.45 -5.44
N ILE A 148 16.50 9.03 -6.63
CA ILE A 148 15.41 8.64 -7.52
C ILE A 148 15.82 7.37 -8.26
N PHE A 149 15.11 6.28 -7.97
CA PHE A 149 15.48 4.95 -8.44
C PHE A 149 15.02 4.72 -9.87
N VAL A 150 15.95 4.34 -10.74
CA VAL A 150 15.65 4.05 -12.14
C VAL A 150 15.82 2.58 -12.47
N GLY A 151 16.13 1.74 -11.49
CA GLY A 151 16.50 0.38 -11.75
C GLY A 151 18.00 0.18 -11.63
N PRO A 152 18.53 -0.83 -12.33
CA PRO A 152 17.83 -1.75 -13.24
C PRO A 152 16.74 -2.59 -12.58
N CYS A 153 15.70 -2.88 -13.34
CA CYS A 153 14.64 -3.76 -12.90
C CYS A 153 13.77 -4.12 -14.10
N GLY A 154 13.17 -5.30 -14.04
CA GLY A 154 12.18 -5.71 -15.00
C GLY A 154 10.79 -5.35 -14.55
N ASN A 155 9.78 -5.99 -15.16
CA ASN A 155 8.39 -5.68 -14.87
C ASN A 155 7.64 -6.89 -14.33
N LYS A 156 8.36 -7.87 -13.78
CA LYS A 156 7.73 -9.10 -13.28
C LYS A 156 7.32 -8.83 -11.82
N VAL A 157 6.16 -8.20 -11.67
CA VAL A 157 5.79 -7.65 -10.35
C VAL A 157 5.62 -8.79 -9.33
N ASP A 158 5.99 -8.48 -8.09
CA ASP A 158 6.02 -9.52 -7.05
C ASP A 158 5.85 -8.95 -5.65
N HIS A 159 5.63 -7.66 -5.50
CA HIS A 159 5.67 -7.00 -4.20
C HIS A 159 4.68 -5.85 -4.20
N ALA A 160 3.80 -5.82 -3.21
CA ALA A 160 2.79 -4.78 -3.07
C ALA A 160 3.28 -3.74 -2.08
N VAL A 161 3.11 -2.47 -2.44
CA VAL A 161 3.54 -1.33 -1.64
C VAL A 161 2.49 -0.23 -1.77
N ALA A 162 2.76 0.96 -1.25
CA ALA A 162 1.76 2.02 -1.31
C ALA A 162 2.37 3.29 -1.83
N ALA A 163 1.69 3.91 -2.80
CA ALA A 163 2.12 5.20 -3.30
C ALA A 163 1.47 6.30 -2.48
N VAL A 164 2.29 7.16 -1.86
CA VAL A 164 1.79 8.19 -0.98
C VAL A 164 2.16 9.59 -1.46
N GLY A 165 2.74 9.71 -2.64
CA GLY A 165 3.02 11.02 -3.17
C GLY A 165 3.67 10.90 -4.52
N TYR A 166 4.10 12.05 -5.05
CA TYR A 166 4.80 12.10 -6.31
C TYR A 166 5.42 13.48 -6.47
N GLY A 167 6.34 13.58 -7.44
CA GLY A 167 6.87 14.85 -7.87
C GLY A 167 7.09 14.79 -9.37
N PRO A 168 7.74 15.83 -9.90
CA PRO A 168 7.95 15.90 -11.35
C PRO A 168 8.63 14.68 -11.94
N ASN A 169 9.57 14.06 -11.23
CA ASN A 169 10.35 12.96 -11.79
C ASN A 169 10.21 11.65 -11.02
N TYR A 170 9.27 11.55 -10.08
CA TYR A 170 9.21 10.31 -9.30
C TYR A 170 7.81 10.10 -8.74
N ILE A 171 7.57 8.86 -8.29
CA ILE A 171 6.45 8.52 -7.43
C ILE A 171 7.01 8.09 -6.09
N LEU A 172 6.38 8.55 -5.01
CA LEU A 172 6.86 8.31 -3.65
C LEU A 172 6.18 7.07 -3.05
N ILE A 173 6.97 6.08 -2.65
CA ILE A 173 6.47 4.76 -2.23
C ILE A 173 6.84 4.49 -0.78
N LYS A 174 5.85 4.07 0.01
CA LYS A 174 6.04 3.59 1.37
C LYS A 174 6.22 2.07 1.29
N ASN A 175 7.42 1.59 1.62
CA ASN A 175 7.67 0.15 1.63
C ASN A 175 7.44 -0.35 3.06
N SER A 176 7.41 -1.69 3.20
CA SER A 176 7.19 -2.39 4.47
C SER A 176 8.40 -3.21 4.85
N TRP A 177 9.62 -2.67 4.66
CA TRP A 177 10.86 -3.33 5.01
C TRP A 177 11.61 -2.64 6.14
N GLY A 178 10.90 -1.86 6.96
CA GLY A 178 11.49 -1.16 8.08
C GLY A 178 12.12 0.17 7.70
N THR A 179 12.52 0.90 8.74
CA THR A 179 13.04 2.26 8.54
C THR A 179 14.50 2.29 8.11
N GLY A 180 15.21 1.16 8.18
CA GLY A 180 16.58 1.11 7.73
C GLY A 180 16.77 0.91 6.25
N TRP A 181 15.70 0.60 5.52
CA TRP A 181 15.78 0.42 4.09
C TRP A 181 15.47 1.73 3.37
N GLY A 182 16.26 2.03 2.33
CA GLY A 182 15.94 3.18 1.49
C GLY A 182 16.00 4.50 2.23
N GLU A 183 15.07 5.40 1.89
CA GLU A 183 15.04 6.74 2.47
C GLU A 183 14.10 6.70 3.68
N ASN A 184 14.63 6.19 4.79
CA ASN A 184 13.87 6.00 6.02
C ASN A 184 12.62 5.16 5.77
N GLY A 185 12.75 4.19 4.86
CA GLY A 185 11.70 3.24 4.59
C GLY A 185 10.95 3.51 3.30
N TYR A 186 11.24 4.62 2.63
CA TYR A 186 10.57 5.06 1.42
C TYR A 186 11.50 4.88 0.23
N ILE A 187 10.91 4.80 -0.95
CA ILE A 187 11.65 4.87 -2.20
C ILE A 187 10.95 5.86 -3.13
N ARG A 188 11.76 6.65 -3.83
CA ARG A 188 11.26 7.50 -4.90
C ARG A 188 11.61 6.80 -6.21
N ILE A 189 10.58 6.41 -6.96
CA ILE A 189 10.76 5.64 -8.20
C ILE A 189 10.56 6.58 -9.38
N LYS A 190 11.52 6.57 -10.29
CA LYS A 190 11.46 7.42 -11.47
C LYS A 190 10.14 7.22 -12.24
N ARG A 191 9.57 8.33 -12.69
CA ARG A 191 8.42 8.30 -13.60
C ARG A 191 8.78 9.10 -14.85
N GLY A 192 7.87 9.07 -15.82
CA GLY A 192 8.04 9.82 -17.04
C GLY A 192 9.01 9.22 -18.03
N THR A 193 9.23 7.91 -17.98
CA THR A 193 10.16 7.25 -18.89
C THR A 193 9.49 6.80 -20.19
N GLY A 194 8.17 6.96 -20.29
CA GLY A 194 7.43 6.58 -21.48
C GLY A 194 7.15 5.10 -21.59
N ASN A 195 7.70 4.28 -20.70
CA ASN A 195 7.39 2.86 -20.67
C ASN A 195 6.05 2.68 -19.96
N SER A 196 5.08 2.09 -20.65
CA SER A 196 3.72 1.95 -20.12
C SER A 196 3.64 1.01 -18.92
N TYR A 197 4.61 0.11 -18.75
CA TYR A 197 4.59 -0.74 -17.55
C TYR A 197 4.89 0.06 -16.30
N GLY A 198 5.57 1.20 -16.44
CA GLY A 198 6.12 1.87 -15.27
C GLY A 198 7.48 1.30 -14.93
N VAL A 199 8.34 2.09 -14.29
CA VAL A 199 9.60 1.56 -13.83
C VAL A 199 9.31 0.45 -12.81
N CYS A 200 9.99 -0.68 -12.96
CA CYS A 200 9.78 -1.88 -12.16
C CYS A 200 8.34 -2.37 -12.20
N GLY A 201 7.62 -2.08 -13.29
CA GLY A 201 6.25 -2.53 -13.44
C GLY A 201 5.24 -1.80 -12.57
N LEU A 202 5.57 -0.59 -12.13
CA LEU A 202 4.78 0.14 -11.14
C LEU A 202 3.33 0.41 -11.57
N TYR A 203 3.00 0.36 -12.86
CA TYR A 203 1.65 0.70 -13.26
C TYR A 203 0.78 -0.53 -13.50
N THR A 204 1.21 -1.70 -13.04
CA THR A 204 0.55 -2.94 -13.43
C THR A 204 -0.81 -3.13 -12.78
N SER A 205 -0.93 -2.79 -11.50
CA SER A 205 -2.11 -3.21 -10.73
C SER A 205 -2.24 -2.30 -9.51
N SER A 206 -3.14 -1.33 -9.57
CA SER A 206 -3.28 -0.33 -8.51
C SER A 206 -4.72 -0.19 -8.06
N PHE A 207 -4.94 -0.24 -6.74
CA PHE A 207 -6.27 -0.20 -6.15
C PHE A 207 -6.31 0.82 -5.02
N TYR A 208 -7.51 1.34 -4.75
CA TYR A 208 -7.68 2.24 -3.61
C TYR A 208 -9.07 2.06 -3.01
N PRO A 209 -9.22 2.31 -1.72
CA PRO A 209 -10.53 2.19 -1.09
C PRO A 209 -11.41 3.40 -1.36
N VAL A 210 -12.73 3.16 -1.35
CA VAL A 210 -13.72 4.21 -1.48
C VAL A 210 -14.42 4.36 -0.13
N LYS A 211 -14.54 5.60 0.34
CA LYS A 211 -15.24 5.88 1.59
C LYS A 211 -16.09 7.12 1.40
N ASN A 212 -17.40 6.98 1.59
CA ASN A 212 -18.33 8.07 1.38
C ASN A 212 -18.15 9.15 2.45
N LEU B 3 1.34 -11.82 -4.67
CA LEU B 3 2.06 -10.59 -4.39
C LEU B 3 2.63 -10.82 -2.99
#